data_3LCZ
#
_entry.id   3LCZ
#
_cell.length_a   108.076
_cell.length_b   108.076
_cell.length_c   49.370
_cell.angle_alpha   90.00
_cell.angle_beta   90.00
_cell.angle_gamma   120.00
#
_symmetry.space_group_name_H-M   'H 3'
#
loop_
_entity.id
_entity.type
_entity.pdbx_description
1 polymer 'Inhibitor of TRAP, regulated by T-BOX (Trp) sequence RtpA'
2 non-polymer 'ZINC ION'
3 water water
#
_entity_poly.entity_id   1
_entity_poly.type   'polypeptide(L)'
_entity_poly.pdbx_seq_one_letter_code
;MVIATDDLETTCPNCNGSGREEPEPCPKCLGKGVILTAQGSTLLHFIKKHIHE
;
_entity_poly.pdbx_strand_id   A,B,C,D
#
loop_
_chem_comp.id
_chem_comp.type
_chem_comp.name
_chem_comp.formula
ZN non-polymer 'ZINC ION' 'Zn 2'
#
# COMPACT_ATOMS: atom_id res chain seq x y z
N MET A 1 14.18 3.97 -3.35
CA MET A 1 13.53 2.84 -2.67
C MET A 1 12.70 2.03 -3.63
N VAL A 2 12.48 0.77 -3.27
CA VAL A 2 11.75 -0.15 -4.13
C VAL A 2 10.28 0.22 -4.33
N ILE A 3 9.62 0.68 -3.29
CA ILE A 3 8.20 1.05 -3.42
C ILE A 3 8.09 2.42 -2.77
N ALA A 4 7.95 3.43 -3.60
CA ALA A 4 7.84 4.78 -3.10
C ALA A 4 6.38 5.13 -3.04
N THR A 5 6.10 6.31 -2.51
CA THR A 5 4.76 6.79 -2.32
C THR A 5 3.98 6.78 -3.62
N ASP A 6 4.60 7.32 -4.66
CA ASP A 6 4.00 7.39 -6.00
C ASP A 6 3.71 6.00 -6.59
N ASP A 7 4.35 4.97 -6.06
CA ASP A 7 4.07 3.59 -6.48
C ASP A 7 2.80 3.08 -5.82
N LEU A 8 2.40 3.76 -4.76
CA LEU A 8 1.28 3.35 -3.90
C LEU A 8 -0.02 4.11 -4.14
N GLU A 9 0.07 5.36 -4.57
CA GLU A 9 -1.15 6.15 -4.69
C GLU A 9 -0.83 7.25 -5.66
N THR A 10 -1.86 7.82 -6.28
CA THR A 10 -1.64 8.92 -7.22
C THR A 10 -2.69 9.99 -6.99
N THR A 11 -2.32 11.24 -7.23
CA THR A 11 -3.19 12.37 -7.01
C THR A 11 -4.58 12.04 -7.55
N CYS A 12 -5.59 12.30 -6.74
CA CYS A 12 -6.94 12.05 -7.16
C CYS A 12 -7.29 13.02 -8.27
N PRO A 13 -7.92 12.48 -9.33
CA PRO A 13 -8.20 13.33 -10.45
C PRO A 13 -9.43 14.20 -10.17
N ASN A 14 -10.27 13.80 -9.22
CA ASN A 14 -11.50 14.57 -8.93
C ASN A 14 -11.28 15.84 -8.12
N CYS A 15 -10.32 15.81 -7.21
CA CYS A 15 -10.12 16.98 -6.39
C CYS A 15 -8.76 17.53 -6.65
N ASN A 16 -8.05 16.89 -7.58
CA ASN A 16 -6.65 17.24 -7.88
C ASN A 16 -5.76 17.31 -6.65
N GLY A 17 -6.07 16.52 -5.63
CA GLY A 17 -5.16 16.46 -4.46
C GLY A 17 -5.60 17.15 -3.19
N SER A 18 -6.63 17.98 -3.25
CA SER A 18 -7.07 18.70 -2.04
C SER A 18 -7.73 17.75 -1.03
N GLY A 19 -8.27 16.64 -1.51
CA GLY A 19 -9.06 15.76 -0.66
C GLY A 19 -10.46 16.33 -0.37
N ARG A 20 -10.85 17.40 -1.05
CA ARG A 20 -12.12 18.10 -0.77
C ARG A 20 -13.03 18.30 -1.98
N GLU A 21 -14.33 18.20 -1.71
CA GLU A 21 -15.39 18.53 -2.66
C GLU A 21 -16.38 19.26 -1.77
N GLU A 22 -16.03 20.50 -1.43
CA GLU A 22 -16.75 21.27 -0.43
C GLU A 22 -18.26 21.20 -0.56
N PRO A 23 -18.96 21.04 0.58
CA PRO A 23 -18.39 20.98 1.93
C PRO A 23 -17.93 19.62 2.42
N GLU A 24 -17.69 18.66 1.54
CA GLU A 24 -17.43 17.28 2.00
C GLU A 24 -16.02 16.82 1.72
N PRO A 25 -15.58 15.75 2.39
CA PRO A 25 -14.34 15.18 1.88
C PRO A 25 -14.62 14.74 0.45
N CYS A 26 -13.61 14.69 -0.42
CA CYS A 26 -13.89 14.28 -1.80
C CYS A 26 -14.28 12.82 -1.76
N PRO A 27 -15.42 12.44 -2.38
CA PRO A 27 -15.84 11.05 -2.26
C PRO A 27 -15.00 10.07 -3.05
N LYS A 28 -14.31 10.55 -4.08
CA LYS A 28 -13.52 9.68 -4.93
C LYS A 28 -12.25 9.22 -4.22
N CYS A 29 -11.65 10.07 -3.39
CA CYS A 29 -10.46 9.64 -2.66
C CYS A 29 -10.70 9.53 -1.15
N LEU A 30 -11.96 9.62 -0.74
CA LEU A 30 -12.29 9.54 0.68
C LEU A 30 -11.56 10.62 1.46
N GLY A 31 -11.40 11.79 0.86
CA GLY A 31 -10.77 12.96 1.53
C GLY A 31 -9.25 12.90 1.61
N LYS A 32 -8.68 11.82 1.07
CA LYS A 32 -7.23 11.63 1.10
C LYS A 32 -6.46 12.44 0.04
N GLY A 33 -7.12 12.77 -1.07
CA GLY A 33 -6.43 13.52 -2.13
C GLY A 33 -5.66 12.63 -3.07
N VAL A 34 -5.63 11.33 -2.75
CA VAL A 34 -4.99 10.31 -3.56
C VAL A 34 -5.85 9.07 -3.72
N ILE A 35 -5.71 8.39 -4.86
CA ILE A 35 -6.36 7.12 -5.10
C ILE A 35 -5.29 6.04 -5.14
N LEU A 36 -5.62 4.81 -4.78
CA LEU A 36 -4.57 3.80 -4.67
C LEU A 36 -4.16 3.23 -6.03
N THR A 37 -2.89 2.85 -6.17
CA THR A 37 -2.52 2.11 -7.38
C THR A 37 -2.85 0.67 -7.01
N ALA A 38 -2.72 -0.26 -7.95
CA ALA A 38 -2.95 -1.66 -7.67
C ALA A 38 -2.00 -2.14 -6.59
N GLN A 39 -0.74 -1.68 -6.60
CA GLN A 39 0.25 -2.06 -5.59
C GLN A 39 -0.16 -1.53 -4.19
N GLY A 40 -0.67 -0.30 -4.15
CA GLY A 40 -1.16 0.29 -2.89
C GLY A 40 -2.34 -0.48 -2.34
N SER A 41 -3.34 -0.79 -3.17
CA SER A 41 -4.50 -1.62 -2.74
C SER A 41 -4.08 -3.00 -2.26
N THR A 42 -3.22 -3.63 -3.03
CA THR A 42 -2.67 -4.90 -2.64
C THR A 42 -2.06 -4.85 -1.23
N LEU A 43 -1.24 -3.85 -0.97
CA LEU A 43 -0.63 -3.73 0.35
C LEU A 43 -1.60 -3.40 1.47
N LEU A 44 -2.50 -2.44 1.23
CA LEU A 44 -3.43 -1.99 2.23
C LEU A 44 -4.30 -3.21 2.54
N HIS A 45 -4.83 -3.81 1.50
CA HIS A 45 -5.68 -4.98 1.65
C HIS A 45 -5.03 -6.08 2.52
N PHE A 46 -3.79 -6.45 2.23
CA PHE A 46 -3.08 -7.46 3.03
C PHE A 46 -2.91 -7.11 4.51
N ILE A 47 -2.48 -5.88 4.80
CA ILE A 47 -2.32 -5.44 6.17
C ILE A 47 -3.65 -5.48 6.91
N LYS A 48 -4.70 -4.98 6.23
CA LYS A 48 -6.01 -4.93 6.85
C LYS A 48 -6.54 -6.32 7.17
N LYS A 49 -6.25 -7.27 6.29
CA LYS A 49 -6.77 -8.61 6.40
C LYS A 49 -6.16 -9.35 7.55
N HIS A 50 -4.94 -8.97 7.90
CA HIS A 50 -4.17 -9.67 8.91
C HIS A 50 -3.77 -8.76 10.08
N ILE A 51 -4.35 -7.58 10.14
CA ILE A 51 -4.02 -6.56 11.17
C ILE A 51 -4.10 -7.11 12.61
N HIS A 52 -5.09 -7.93 12.88
CA HIS A 52 -5.27 -8.49 14.22
C HIS A 52 -4.43 -9.74 14.46
N GLU A 53 -3.34 -9.89 13.71
CA GLU A 53 -2.49 -11.04 13.89
C GLU A 53 -1.01 -10.75 13.67
N MET B 1 14.46 -11.13 -0.17
CA MET B 1 13.09 -10.59 -0.48
C MET B 1 13.12 -9.13 -0.90
N VAL B 2 12.10 -8.72 -1.65
CA VAL B 2 11.98 -7.34 -2.09
C VAL B 2 12.25 -6.38 -0.92
N ILE B 3 11.44 -6.50 0.14
CA ILE B 3 11.50 -5.64 1.31
C ILE B 3 11.80 -6.46 2.55
N ALA B 4 13.01 -6.32 3.08
CA ALA B 4 13.40 -7.12 4.22
C ALA B 4 13.27 -6.24 5.46
N THR B 5 13.27 -6.82 6.65
CA THR B 5 13.17 -5.97 7.84
C THR B 5 14.24 -4.88 7.78
N ASP B 6 15.40 -5.27 7.28
CA ASP B 6 16.58 -4.39 7.19
C ASP B 6 16.31 -3.21 6.29
N ASP B 7 15.38 -3.38 5.38
CA ASP B 7 15.00 -2.31 4.48
C ASP B 7 14.09 -1.33 5.18
N LEU B 8 13.47 -1.77 6.27
CA LEU B 8 12.42 -0.99 6.94
C LEU B 8 12.82 -0.25 8.22
N GLU B 9 13.91 -0.66 8.84
CA GLU B 9 14.24 -0.08 10.13
C GLU B 9 15.69 -0.41 10.33
N THR B 10 16.36 0.45 11.11
CA THR B 10 17.79 0.36 11.35
C THR B 10 17.98 0.29 12.85
N THR B 11 19.18 -0.08 13.25
CA THR B 11 19.56 -0.12 14.66
C THR B 11 19.64 1.32 15.12
N CYS B 12 18.91 1.66 16.17
CA CYS B 12 18.97 3.02 16.68
C CYS B 12 20.35 3.44 17.15
N PRO B 13 20.83 4.61 16.65
CA PRO B 13 22.17 5.09 16.99
C PRO B 13 22.33 5.70 18.39
N ASN B 14 21.25 5.74 19.17
CA ASN B 14 21.30 6.29 20.55
C ASN B 14 21.41 5.26 21.67
N CYS B 15 20.74 4.13 21.48
CA CYS B 15 20.75 3.03 22.46
C CYS B 15 21.37 1.80 21.80
N ASN B 16 21.59 1.90 20.49
CA ASN B 16 22.09 0.77 19.72
C ASN B 16 21.43 -0.57 20.05
N GLY B 17 20.16 -0.72 19.70
CA GLY B 17 19.48 -2.01 19.88
C GLY B 17 18.49 -2.13 21.01
N SER B 18 18.93 -1.81 22.21
CA SER B 18 18.07 -1.91 23.38
C SER B 18 16.88 -0.97 23.33
N GLY B 19 17.09 0.24 22.84
CA GLY B 19 16.03 1.23 22.80
C GLY B 19 15.84 1.75 24.21
N ARG B 20 16.91 1.66 25.00
CA ARG B 20 16.89 2.13 26.37
C ARG B 20 17.94 3.21 26.59
N GLU B 21 17.57 4.21 27.37
CA GLU B 21 18.50 5.26 27.81
C GLU B 21 18.22 5.41 29.30
N GLU B 22 18.62 4.38 30.05
CA GLU B 22 18.41 4.28 31.50
C GLU B 22 18.17 5.52 32.36
N PRO B 23 17.14 5.46 33.22
CA PRO B 23 16.26 4.30 33.41
C PRO B 23 15.03 4.20 32.50
N GLU B 24 14.98 5.01 31.44
CA GLU B 24 13.81 5.07 30.56
C GLU B 24 13.99 4.46 29.17
N PRO B 25 12.86 4.11 28.52
CA PRO B 25 12.89 3.71 27.13
C PRO B 25 13.72 4.72 26.37
N CYS B 26 14.40 4.29 25.32
CA CYS B 26 15.19 5.21 24.51
C CYS B 26 14.23 6.17 23.86
N PRO B 27 14.43 7.48 24.07
CA PRO B 27 13.57 8.49 23.44
C PRO B 27 13.58 8.37 21.91
N LYS B 28 14.76 8.35 21.31
CA LYS B 28 14.90 8.29 19.83
C LYS B 28 14.16 7.14 19.18
N CYS B 29 14.11 5.99 19.84
CA CYS B 29 13.44 4.85 19.21
C CYS B 29 12.15 4.43 19.88
N LEU B 30 11.82 5.08 21.00
CA LEU B 30 10.61 4.72 21.73
C LEU B 30 10.79 3.33 22.36
N GLY B 31 12.05 3.01 22.63
CA GLY B 31 12.40 1.73 23.28
C GLY B 31 12.53 0.58 22.31
N LYS B 32 12.04 0.78 21.09
CA LYS B 32 12.05 -0.27 20.08
C LYS B 32 13.46 -0.71 19.69
N GLY B 33 14.41 0.21 19.81
CA GLY B 33 15.79 -0.10 19.45
C GLY B 33 16.06 0.07 17.98
N VAL B 34 15.05 0.48 17.22
CA VAL B 34 15.23 0.71 15.80
C VAL B 34 14.59 2.03 15.37
N ILE B 35 15.18 2.66 14.37
CA ILE B 35 14.52 3.79 13.75
C ILE B 35 14.19 3.41 12.30
N LEU B 36 13.24 4.14 11.75
CA LEU B 36 12.71 3.86 10.44
C LEU B 36 13.65 4.34 9.36
N THR B 37 13.63 3.62 8.25
CA THR B 37 14.33 4.02 7.04
C THR B 37 13.30 4.82 6.26
N ALA B 38 13.72 5.48 5.19
CA ALA B 38 12.81 6.19 4.33
C ALA B 38 11.78 5.20 3.75
N GLN B 39 12.24 4.00 3.40
CA GLN B 39 11.30 2.97 2.92
C GLN B 39 10.29 2.63 4.01
N GLY B 40 10.77 2.40 5.23
CA GLY B 40 9.85 2.09 6.34
C GLY B 40 8.80 3.18 6.54
N SER B 41 9.27 4.42 6.60
CA SER B 41 8.45 5.61 6.77
C SER B 41 7.40 5.75 5.63
N THR B 42 7.80 5.53 4.39
CA THR B 42 6.88 5.52 3.26
C THR B 42 5.76 4.50 3.39
N LEU B 43 6.14 3.26 3.70
CA LEU B 43 5.11 2.21 3.85
C LEU B 43 4.17 2.40 5.04
N LEU B 44 4.73 2.77 6.19
CA LEU B 44 3.97 3.02 7.41
C LEU B 44 3.03 4.21 7.23
N HIS B 45 3.55 5.31 6.68
CA HIS B 45 2.77 6.49 6.43
C HIS B 45 1.63 6.16 5.50
N PHE B 46 1.91 5.30 4.52
CA PHE B 46 0.86 4.81 3.59
C PHE B 46 -0.25 4.10 4.30
N ILE B 47 0.15 3.11 5.11
CA ILE B 47 -0.86 2.33 5.81
C ILE B 47 -1.66 3.24 6.76
N LYS B 48 -0.97 3.96 7.62
CA LYS B 48 -1.60 4.97 8.50
C LYS B 48 -2.59 5.87 7.77
N LYS B 49 -2.25 6.28 6.55
CA LYS B 49 -3.09 7.19 5.77
C LYS B 49 -4.42 6.60 5.33
N HIS B 50 -4.47 5.28 5.18
CA HIS B 50 -5.67 4.66 4.64
C HIS B 50 -6.22 3.54 5.47
N ILE B 51 -5.50 3.11 6.49
CA ILE B 51 -5.95 1.97 7.30
C ILE B 51 -7.33 2.20 7.89
N HIS B 52 -7.67 3.47 8.16
CA HIS B 52 -8.90 3.88 8.86
C HIS B 52 -8.76 3.66 10.36
N GLU B 53 -8.10 4.59 11.03
CA GLU B 53 -7.87 4.44 12.45
C GLU B 53 -6.78 5.44 12.77
N MET C 1 3.46 -5.69 -11.03
CA MET C 1 3.48 -5.39 -9.57
C MET C 1 4.56 -6.18 -8.85
N VAL C 2 5.50 -5.47 -8.23
CA VAL C 2 6.62 -6.10 -7.52
C VAL C 2 6.14 -7.00 -6.41
N ILE C 3 5.23 -6.48 -5.60
CA ILE C 3 4.67 -7.26 -4.55
C ILE C 3 3.18 -7.44 -4.72
N ALA C 4 2.84 -8.63 -5.16
CA ALA C 4 1.48 -9.06 -5.36
C ALA C 4 0.97 -9.78 -4.12
N THR C 5 -0.33 -10.02 -4.14
CA THR C 5 -1.01 -10.66 -3.04
C THR C 5 -0.45 -12.04 -2.75
N ASP C 6 -0.12 -12.75 -3.81
CA ASP C 6 0.32 -14.13 -3.68
C ASP C 6 1.77 -14.25 -3.18
N ASP C 7 2.43 -13.10 -3.10
CA ASP C 7 3.80 -12.96 -2.57
C ASP C 7 3.75 -12.57 -1.13
N LEU C 8 2.56 -12.24 -0.66
CA LEU C 8 2.39 -11.84 0.74
C LEU C 8 1.71 -12.98 1.48
N GLU C 9 0.89 -13.75 0.77
CA GLU C 9 0.22 -14.85 1.44
C GLU C 9 0.02 -16.02 0.49
N THR C 10 0.27 -17.22 0.98
CA THR C 10 0.01 -18.36 0.13
C THR C 10 -1.07 -19.28 0.70
N THR C 11 -2.01 -19.67 -0.17
CA THR C 11 -3.13 -20.53 0.22
C THR C 11 -2.77 -21.55 1.29
N CYS C 12 -3.63 -21.70 2.28
CA CYS C 12 -3.39 -22.61 3.39
C CYS C 12 -3.42 -24.06 2.91
N PRO C 13 -2.45 -24.89 3.34
CA PRO C 13 -2.34 -26.28 2.91
C PRO C 13 -3.33 -27.20 3.63
N ASN C 14 -3.67 -26.86 4.87
CA ASN C 14 -4.59 -27.64 5.67
C ASN C 14 -6.08 -27.49 5.30
N CYS C 15 -6.40 -26.54 4.44
CA CYS C 15 -7.79 -26.34 3.99
C CYS C 15 -7.90 -26.09 2.49
N ASN C 16 -7.40 -24.96 2.03
CA ASN C 16 -7.50 -24.59 0.62
C ASN C 16 -8.64 -23.61 0.31
N GLY C 17 -8.83 -22.60 1.17
CA GLY C 17 -9.85 -21.58 0.90
C GLY C 17 -11.07 -21.50 1.82
N SER C 18 -11.75 -22.61 2.02
CA SER C 18 -12.94 -22.61 2.87
C SER C 18 -12.62 -21.97 4.21
N GLY C 19 -11.32 -21.89 4.53
CA GLY C 19 -10.87 -21.30 5.78
C GLY C 19 -11.60 -21.91 6.96
N ARG C 20 -11.97 -23.18 6.83
CA ARG C 20 -12.69 -23.89 7.90
C ARG C 20 -12.13 -25.29 8.12
N GLU C 21 -12.70 -25.99 9.10
CA GLU C 21 -12.32 -27.37 9.38
C GLU C 21 -13.46 -28.13 10.07
N GLU C 22 -14.67 -27.97 9.54
CA GLU C 22 -15.89 -28.59 10.05
C GLU C 22 -15.78 -29.25 11.42
N PRO C 23 -16.63 -28.82 12.37
CA PRO C 23 -17.63 -27.77 12.17
C PRO C 23 -17.14 -26.39 12.62
N GLU C 24 -15.94 -26.33 13.18
CA GLU C 24 -15.38 -25.07 13.66
C GLU C 24 -14.49 -24.38 12.62
N PRO C 25 -13.70 -23.38 13.04
CA PRO C 25 -12.83 -22.64 12.13
C PRO C 25 -11.51 -23.36 11.90
N CYS C 26 -10.89 -23.14 10.74
CA CYS C 26 -9.62 -23.77 10.43
C CYS C 26 -8.54 -23.28 11.40
N PRO C 27 -7.78 -24.21 12.00
CA PRO C 27 -6.72 -23.89 12.96
C PRO C 27 -5.51 -23.18 12.36
N LYS C 28 -4.94 -23.79 11.32
CA LYS C 28 -3.72 -23.30 10.67
C LYS C 28 -3.77 -21.86 10.17
N CYS C 29 -4.89 -21.46 9.57
CA CYS C 29 -5.05 -20.11 9.01
C CYS C 29 -6.11 -19.26 9.72
N LEU C 30 -6.51 -19.70 10.91
CA LEU C 30 -7.52 -19.02 11.73
C LEU C 30 -8.79 -18.61 10.99
N GLY C 31 -9.13 -19.34 9.92
CA GLY C 31 -10.35 -19.06 9.16
C GLY C 31 -10.19 -18.17 7.94
N LYS C 32 -9.00 -17.57 7.80
CA LYS C 32 -8.71 -16.66 6.67
C LYS C 32 -8.36 -17.43 5.40
N GLY C 33 -8.08 -18.72 5.56
CA GLY C 33 -7.81 -19.60 4.43
C GLY C 33 -6.55 -19.31 3.64
N VAL C 34 -5.68 -18.44 4.18
CA VAL C 34 -4.41 -18.12 3.56
C VAL C 34 -3.40 -17.98 4.67
N ILE C 35 -2.15 -18.41 4.45
CA ILE C 35 -1.12 -18.13 5.45
C ILE C 35 -0.09 -17.14 4.92
N LEU C 36 0.66 -16.54 5.83
CA LEU C 36 1.65 -15.54 5.50
C LEU C 36 2.97 -16.09 4.97
N THR C 37 3.60 -15.33 4.06
CA THR C 37 4.92 -15.67 3.53
C THR C 37 5.96 -14.90 4.33
N ALA C 38 7.24 -15.15 4.07
CA ALA C 38 8.28 -14.42 4.72
C ALA C 38 8.08 -12.95 4.40
N GLN C 39 7.80 -12.63 3.14
CA GLN C 39 7.55 -11.23 2.76
C GLN C 39 6.34 -10.67 3.48
N GLY C 40 5.25 -11.43 3.47
CA GLY C 40 4.01 -10.98 4.09
C GLY C 40 4.18 -10.85 5.59
N SER C 41 4.71 -11.90 6.22
CA SER C 41 5.03 -11.85 7.65
C SER C 41 5.99 -10.69 7.99
N THR C 42 7.00 -10.48 7.17
CA THR C 42 7.89 -9.36 7.36
C THR C 42 7.16 -8.02 7.38
N LEU C 43 6.32 -7.78 6.37
CA LEU C 43 5.63 -6.50 6.31
C LEU C 43 4.71 -6.27 7.47
N LEU C 44 3.92 -7.30 7.80
CA LEU C 44 2.96 -7.25 8.89
C LEU C 44 3.64 -6.99 10.24
N HIS C 45 4.74 -7.69 10.51
CA HIS C 45 5.46 -7.58 11.80
C HIS C 45 5.97 -6.13 11.90
N PHE C 46 6.47 -5.58 10.79
CA PHE C 46 6.93 -4.19 10.77
C PHE C 46 5.81 -3.19 11.05
N ILE C 47 4.73 -3.26 10.27
CA ILE C 47 3.60 -2.34 10.46
C ILE C 47 3.13 -2.37 11.91
N LYS C 48 2.93 -3.59 12.43
CA LYS C 48 2.45 -3.76 13.83
C LYS C 48 3.41 -3.30 14.90
N LYS C 49 4.69 -3.23 14.55
CA LYS C 49 5.69 -2.86 15.51
C LYS C 49 5.69 -1.36 15.57
N HIS C 50 5.26 -0.70 14.49
CA HIS C 50 5.36 0.77 14.47
C HIS C 50 4.08 1.56 14.38
N ILE C 51 3.00 0.89 14.00
CA ILE C 51 1.76 1.59 13.83
C ILE C 51 1.53 2.17 15.21
N HIS C 52 2.36 1.67 16.15
CA HIS C 52 2.30 1.93 17.59
C HIS C 52 0.89 1.68 18.10
N GLU C 53 0.22 0.83 17.31
CA GLU C 53 -1.13 0.34 17.51
C GLU C 53 -2.30 1.31 17.36
N MET D 1 6.01 -9.30 -14.51
CA MET D 1 6.90 -8.33 -15.21
C MET D 1 7.23 -7.15 -14.32
N VAL D 2 8.35 -6.50 -14.62
CA VAL D 2 8.80 -5.32 -13.91
C VAL D 2 7.67 -4.25 -13.91
N ILE D 3 7.14 -3.91 -15.09
CA ILE D 3 6.06 -2.94 -15.19
C ILE D 3 4.82 -3.46 -15.91
N ALA D 4 3.76 -3.71 -15.17
CA ALA D 4 2.53 -4.25 -15.76
C ALA D 4 1.58 -3.10 -16.08
N THR D 5 0.53 -3.37 -16.86
CA THR D 5 -0.47 -2.35 -17.14
C THR D 5 -0.87 -1.63 -15.81
N ASP D 6 -1.18 -2.39 -14.78
CA ASP D 6 -1.57 -1.86 -13.46
C ASP D 6 -0.58 -0.93 -12.74
N ASP D 7 0.64 -0.93 -13.22
CA ASP D 7 1.66 -0.06 -12.68
C ASP D 7 1.67 1.22 -13.48
N LEU D 8 1.01 1.22 -14.63
CA LEU D 8 1.09 2.36 -15.53
C LEU D 8 -0.18 3.19 -15.50
N GLU D 9 -1.31 2.56 -15.18
CA GLU D 9 -2.57 3.28 -15.16
C GLU D 9 -3.56 2.60 -14.20
N THR D 10 -4.50 3.35 -13.65
CA THR D 10 -5.45 2.74 -12.75
C THR D 10 -6.83 3.18 -13.16
N THR D 11 -7.80 2.36 -12.83
CA THR D 11 -9.16 2.65 -13.17
C THR D 11 -9.54 4.00 -12.59
N CYS D 12 -10.17 4.81 -13.45
CA CYS D 12 -10.60 6.13 -13.06
C CYS D 12 -11.69 6.01 -11.98
N PRO D 13 -11.53 6.76 -10.87
CA PRO D 13 -12.43 6.72 -9.73
C PRO D 13 -13.76 7.40 -10.06
N ASN D 14 -13.73 8.35 -11.01
CA ASN D 14 -14.98 9.04 -11.38
C ASN D 14 -16.01 8.22 -12.15
N CYS D 15 -15.53 7.41 -13.10
CA CYS D 15 -16.44 6.66 -13.95
C CYS D 15 -16.24 5.18 -13.67
N ASN D 16 -15.38 4.88 -12.70
CA ASN D 16 -15.09 3.50 -12.38
C ASN D 16 -14.73 2.69 -13.63
N GLY D 17 -14.17 3.36 -14.63
CA GLY D 17 -13.64 2.67 -15.80
C GLY D 17 -14.47 2.73 -17.05
N SER D 18 -15.64 3.35 -16.96
CA SER D 18 -16.60 3.40 -18.07
C SER D 18 -16.22 4.46 -19.11
N GLY D 19 -15.43 5.44 -18.71
CA GLY D 19 -15.04 6.52 -19.62
C GLY D 19 -16.17 7.51 -19.85
N ARG D 20 -17.24 7.33 -19.09
CA ARG D 20 -18.47 8.09 -19.25
C ARG D 20 -18.94 8.76 -17.98
N GLU D 21 -19.41 9.99 -18.12
CA GLU D 21 -20.15 10.67 -17.07
C GLU D 21 -21.36 11.18 -17.87
N GLU D 22 -22.34 10.30 -18.05
CA GLU D 22 -23.49 10.59 -18.93
C GLU D 22 -24.14 11.94 -18.72
N PRO D 23 -24.49 12.62 -19.82
CA PRO D 23 -24.40 12.22 -21.22
C PRO D 23 -23.07 12.51 -21.92
N GLU D 24 -22.01 12.81 -21.16
CA GLU D 24 -20.77 13.22 -21.79
C GLU D 24 -19.62 12.27 -21.45
N PRO D 25 -18.49 12.36 -22.18
CA PRO D 25 -17.43 11.46 -21.72
C PRO D 25 -17.03 11.87 -20.32
N CYS D 26 -16.37 10.97 -19.60
CA CYS D 26 -15.92 11.30 -18.27
C CYS D 26 -14.77 12.30 -18.40
N PRO D 27 -14.86 13.42 -17.67
CA PRO D 27 -13.85 14.47 -17.69
C PRO D 27 -12.53 14.14 -16.98
N LYS D 28 -12.57 13.28 -15.97
CA LYS D 28 -11.36 12.97 -15.19
C LYS D 28 -10.36 12.05 -15.88
N CYS D 29 -10.84 11.12 -16.70
CA CYS D 29 -9.94 10.23 -17.44
C CYS D 29 -10.10 10.52 -18.92
N LEU D 30 -10.72 11.66 -19.23
CA LEU D 30 -10.96 12.07 -20.61
C LEU D 30 -11.31 10.86 -21.49
N GLY D 31 -12.35 10.14 -21.10
CA GLY D 31 -12.91 9.05 -21.90
C GLY D 31 -12.23 7.69 -21.93
N LYS D 32 -11.04 7.58 -21.34
CA LYS D 32 -10.29 6.32 -21.38
C LYS D 32 -10.65 5.28 -20.33
N GLY D 33 -11.22 5.73 -19.22
CA GLY D 33 -11.60 4.82 -18.16
C GLY D 33 -10.47 4.59 -17.17
N VAL D 34 -9.29 5.10 -17.46
CA VAL D 34 -8.15 4.92 -16.58
C VAL D 34 -7.43 6.24 -16.46
N ILE D 35 -6.65 6.40 -15.37
CA ILE D 35 -5.80 7.56 -15.26
C ILE D 35 -4.35 7.05 -15.10
N LEU D 36 -3.37 7.86 -15.46
CA LEU D 36 -1.98 7.42 -15.41
C LEU D 36 -1.44 7.46 -14.00
N THR D 37 -0.56 6.52 -13.68
CA THR D 37 0.12 6.56 -12.41
C THR D 37 1.36 7.42 -12.73
N ALA D 38 2.08 7.85 -11.70
CA ALA D 38 3.34 8.59 -11.90
C ALA D 38 4.33 7.83 -12.85
N GLN D 39 4.35 6.51 -12.75
CA GLN D 39 5.26 5.69 -13.55
C GLN D 39 4.78 5.71 -15.02
N GLY D 40 3.48 5.65 -15.23
CA GLY D 40 2.98 5.75 -16.57
C GLY D 40 3.20 7.13 -17.19
N SER D 41 2.98 8.20 -16.44
CA SER D 41 3.19 9.51 -17.05
C SER D 41 4.68 9.76 -17.37
N THR D 42 5.57 9.25 -16.50
CA THR D 42 7.03 9.32 -16.67
C THR D 42 7.44 8.67 -17.99
N LEU D 43 6.96 7.45 -18.22
CA LEU D 43 7.22 6.74 -19.45
C LEU D 43 6.61 7.39 -20.68
N LEU D 44 5.34 7.81 -20.58
CA LEU D 44 4.68 8.49 -21.69
C LEU D 44 5.41 9.80 -22.05
N HIS D 45 5.66 10.64 -21.04
CA HIS D 45 6.36 11.90 -21.23
C HIS D 45 7.70 11.70 -21.91
N PHE D 46 8.45 10.70 -21.45
CA PHE D 46 9.76 10.40 -22.00
C PHE D 46 9.68 10.05 -23.48
N ILE D 47 8.73 9.20 -23.82
CA ILE D 47 8.59 8.80 -25.21
C ILE D 47 8.19 9.98 -26.08
N LYS D 48 7.22 10.76 -25.63
CA LYS D 48 6.77 11.89 -26.44
C LYS D 48 7.89 12.93 -26.54
N LYS D 49 8.70 13.01 -25.50
CA LYS D 49 9.79 13.98 -25.49
C LYS D 49 10.87 13.67 -26.53
N HIS D 50 11.06 12.39 -26.85
CA HIS D 50 12.18 12.02 -27.71
C HIS D 50 11.79 11.29 -28.96
N ILE D 51 10.52 11.00 -29.15
CA ILE D 51 10.18 10.15 -30.28
C ILE D 51 10.50 10.70 -31.66
N HIS D 52 10.46 12.01 -31.80
CA HIS D 52 10.73 12.60 -33.10
C HIS D 52 12.08 13.25 -33.30
N GLU D 53 13.00 13.08 -32.35
CA GLU D 53 14.33 13.66 -32.55
C GLU D 53 14.88 13.13 -33.87
ZN ZN E . -10.31 13.33 -4.41
ZN ZN F . 17.25 3.89 20.55
ZN ZN G . -6.49 -23.33 6.76
ZN ZN H . -13.18 8.50 -15.90
#